data_5GR7
#
_entry.id   5GR7
#
_cell.length_a   50.006
_cell.length_b   74.644
_cell.length_c   121.129
_cell.angle_alpha   90.00
_cell.angle_beta   90.00
_cell.angle_gamma   90.00
#
_symmetry.space_group_name_H-M   'P 21 21 21'
#
loop_
_entity.id
_entity.type
_entity.pdbx_description
1 polymer 'H-2 class I histocompatibility antigen, K-D alpha chain'
2 polymer Beta-2-microglobulin
3 polymer 'MERS-CoV peptide'
4 water water
#
loop_
_entity_poly.entity_id
_entity_poly.type
_entity_poly.pdbx_seq_one_letter_code
_entity_poly.pdbx_strand_id
1 'polypeptide(L)'
;GPHSLRYFVTAVSRPGLGEPRFIAVGYVDDTQFVRFDSDADNPRFEPRAPWMEQEGPEYWEEQTQRAKSDEQWFRVSLRT
AQRYYNQSKGGSHTFQRMFGCDVGSDWRLLRGYHQFAYDGRDYIALNEDLKTWTAADTAALITRRKWEQAGDAEYYRAYL
EGECVEWLRRYLELGNETLLRTDSPKAHVTYHPRSQVDVTLRCWALGFYPADITLTWQLNGEDLTQDMELVETRPAGDGT
FQKWAAVVVPLGKEQNYTCHVHHKGLPEPLTLRW
;
A
2 'polypeptide(L)'
;IQRTPKIQVYSRHPAENGKSNFLNCYVSGFHPSDIEVDLLKNGERIEKVEHSDLSFSKDWSFYLLYYTEFTPTEKDEYAC
RVNHVTLSQPKIVKWDRDM
;
B
3 'polypeptide(L)' YYSIIPHSI C
#
# COMPACT_ATOMS: atom_id res chain seq x y z
N GLY A 1 -18.87 12.80 -3.56
CA GLY A 1 -17.76 12.26 -2.80
C GLY A 1 -16.43 12.44 -3.51
N PRO A 2 -15.35 12.61 -2.73
CA PRO A 2 -14.01 12.81 -3.30
C PRO A 2 -13.40 11.55 -3.89
N HIS A 3 -12.46 11.71 -4.81
CA HIS A 3 -11.76 10.59 -5.41
C HIS A 3 -10.31 10.94 -5.70
N SER A 4 -9.46 9.93 -5.80
CA SER A 4 -8.05 10.17 -6.03
C SER A 4 -7.45 9.24 -7.10
N LEU A 5 -6.59 9.81 -7.93
CA LEU A 5 -5.76 9.03 -8.84
C LEU A 5 -4.33 9.09 -8.32
N ARG A 6 -3.70 7.94 -8.14
CA ARG A 6 -2.35 7.90 -7.59
C ARG A 6 -1.47 6.91 -8.32
N TYR A 7 -0.22 7.30 -8.56
CA TYR A 7 0.78 6.39 -9.09
C TYR A 7 1.92 6.24 -8.09
N PHE A 8 2.34 5.00 -7.87
CA PHE A 8 3.46 4.71 -6.98
C PHE A 8 4.57 4.06 -7.80
N VAL A 9 5.68 4.77 -7.95
CA VAL A 9 6.76 4.33 -8.83
C VAL A 9 8.03 4.03 -8.04
N THR A 10 8.63 2.88 -8.31
CA THR A 10 9.82 2.46 -7.57
C THR A 10 10.96 2.01 -8.48
N ALA A 11 12.15 2.55 -8.22
CA ALA A 11 13.36 2.12 -8.90
C ALA A 11 14.40 1.67 -7.87
N VAL A 12 15.01 0.51 -8.12
CA VAL A 12 15.97 -0.07 -7.18
C VAL A 12 17.24 -0.47 -7.89
N SER A 13 18.33 0.23 -7.59
CA SER A 13 19.60 -0.08 -8.22
C SER A 13 20.12 -1.42 -7.72
N ARG A 14 20.72 -2.19 -8.61
CA ARG A 14 21.29 -3.48 -8.24
C ARG A 14 22.53 -3.78 -9.07
N PRO A 15 23.64 -3.09 -8.77
CA PRO A 15 24.90 -3.31 -9.47
C PRO A 15 25.38 -4.74 -9.27
N GLY A 16 26.05 -5.30 -10.27
CA GLY A 16 26.54 -6.66 -10.17
C GLY A 16 25.44 -7.68 -10.42
N LEU A 17 24.21 -7.21 -10.55
CA LEU A 17 23.09 -8.05 -10.95
C LEU A 17 22.54 -7.62 -12.30
N GLY A 18 22.62 -6.32 -12.58
CA GLY A 18 22.19 -5.78 -13.85
C GLY A 18 21.53 -4.42 -13.76
N GLU A 19 20.63 -4.15 -14.70
CA GLU A 19 19.91 -2.88 -14.74
C GLU A 19 18.97 -2.73 -13.55
N PRO A 20 18.71 -1.49 -13.12
CA PRO A 20 17.82 -1.22 -11.99
C PRO A 20 16.41 -1.77 -12.21
N ARG A 21 15.80 -2.29 -11.16
CA ARG A 21 14.39 -2.67 -11.23
C ARG A 21 13.56 -1.40 -11.34
N PHE A 22 12.48 -1.47 -12.10
CA PHE A 22 11.58 -0.32 -12.23
C PHE A 22 10.14 -0.80 -12.25
N ILE A 23 9.33 -0.32 -11.32
CA ILE A 23 7.92 -0.70 -11.29
C ILE A 23 7.00 0.47 -10.95
N ALA A 24 5.96 0.63 -11.76
CA ALA A 24 4.94 1.64 -11.52
C ALA A 24 3.57 1.00 -11.36
N VAL A 25 2.81 1.45 -10.38
CA VAL A 25 1.44 0.99 -10.21
C VAL A 25 0.50 2.18 -10.05
N GLY A 26 -0.70 2.07 -10.61
CA GLY A 26 -1.69 3.13 -10.52
C GLY A 26 -2.88 2.70 -9.69
N TYR A 27 -3.43 3.65 -8.95
CA TYR A 27 -4.59 3.39 -8.10
C TYR A 27 -5.68 4.43 -8.32
N VAL A 28 -6.93 3.98 -8.29
CA VAL A 28 -8.06 4.90 -8.17
C VAL A 28 -8.67 4.65 -6.80
N ASP A 29 -8.54 5.64 -5.92
CA ASP A 29 -8.84 5.47 -4.51
C ASP A 29 -7.98 4.32 -3.98
N ASP A 30 -8.62 3.28 -3.45
CA ASP A 30 -7.89 2.13 -2.94
C ASP A 30 -7.94 0.94 -3.89
N THR A 31 -8.13 1.22 -5.17
CA THR A 31 -8.25 0.16 -6.18
C THR A 31 -7.17 0.30 -7.24
N GLN A 32 -6.30 -0.71 -7.35
CA GLN A 32 -5.29 -0.71 -8.40
C GLN A 32 -5.94 -0.98 -9.74
N PHE A 33 -5.41 -0.39 -10.81
CA PHE A 33 -5.98 -0.60 -12.13
C PHE A 33 -4.95 -0.77 -13.25
N VAL A 34 -3.70 -0.39 -13.01
CA VAL A 34 -2.63 -0.60 -13.99
C VAL A 34 -1.31 -0.99 -13.33
N ARG A 35 -0.35 -1.39 -14.15
CA ARG A 35 1.01 -1.68 -13.66
C ARG A 35 2.04 -1.68 -14.78
N PHE A 36 3.27 -1.38 -14.42
CA PHE A 36 4.41 -1.59 -15.30
C PHE A 36 5.50 -2.27 -14.49
N ASP A 37 6.02 -3.38 -14.98
CA ASP A 37 7.05 -4.12 -14.25
C ASP A 37 8.19 -4.51 -15.18
N SER A 38 9.36 -3.91 -14.93
CA SER A 38 10.56 -4.17 -15.71
C SER A 38 11.01 -5.64 -15.64
N ASP A 39 10.58 -6.35 -14.60
CA ASP A 39 10.99 -7.73 -14.38
C ASP A 39 9.99 -8.74 -14.92
N ALA A 40 8.91 -8.25 -15.52
CA ALA A 40 7.90 -9.13 -16.11
C ALA A 40 8.36 -9.72 -17.43
N ASP A 41 7.65 -10.74 -17.90
CA ASP A 41 7.99 -11.40 -19.17
C ASP A 41 7.97 -10.42 -20.32
N ASN A 42 6.91 -9.62 -20.40
CA ASN A 42 6.79 -8.60 -21.41
C ASN A 42 6.45 -7.26 -20.78
N PRO A 43 7.47 -6.52 -20.32
CA PRO A 43 7.29 -5.23 -19.66
C PRO A 43 6.47 -4.25 -20.49
N ARG A 44 5.29 -3.90 -19.99
CA ARG A 44 4.42 -2.92 -20.64
C ARG A 44 3.34 -2.48 -19.67
N PHE A 45 2.72 -1.34 -19.94
CA PHE A 45 1.57 -0.91 -19.15
C PHE A 45 0.40 -1.84 -19.47
N GLU A 46 -0.09 -2.53 -18.45
CA GLU A 46 -1.15 -3.50 -18.64
C GLU A 46 -2.19 -3.36 -17.54
N PRO A 47 -3.45 -3.74 -17.84
CA PRO A 47 -4.56 -3.58 -16.88
C PRO A 47 -4.41 -4.46 -15.62
N ARG A 48 -4.91 -3.95 -14.50
CA ARG A 48 -4.93 -4.69 -13.26
C ARG A 48 -6.33 -4.60 -12.65
N ALA A 49 -7.27 -4.17 -13.47
CA ALA A 49 -8.68 -4.13 -13.11
C ALA A 49 -9.50 -4.42 -14.36
N PRO A 50 -10.55 -5.25 -14.23
CA PRO A 50 -11.33 -5.72 -15.38
C PRO A 50 -11.91 -4.59 -16.23
N TRP A 51 -12.22 -3.46 -15.61
CA TRP A 51 -12.82 -2.35 -16.35
C TRP A 51 -11.80 -1.53 -17.14
N MET A 52 -10.54 -1.94 -17.11
CA MET A 52 -9.51 -1.27 -17.89
C MET A 52 -9.17 -2.03 -19.17
N GLU A 53 -9.65 -3.28 -19.26
CA GLU A 53 -9.42 -4.10 -20.44
C GLU A 53 -10.21 -3.56 -21.64
N GLN A 54 -11.07 -2.58 -21.37
CA GLN A 54 -11.82 -1.90 -22.42
C GLN A 54 -10.92 -1.08 -23.35
N GLU A 55 -9.99 -0.33 -22.75
CA GLU A 55 -9.14 0.59 -23.48
C GLU A 55 -8.29 -0.12 -24.53
N GLY A 56 -8.11 0.54 -25.68
CA GLY A 56 -7.42 -0.04 -26.81
C GLY A 56 -5.91 0.15 -26.77
N PRO A 57 -5.22 -0.31 -27.83
CA PRO A 57 -3.76 -0.28 -27.96
C PRO A 57 -3.17 1.13 -27.83
N GLU A 58 -3.89 2.14 -28.31
CA GLU A 58 -3.39 3.51 -28.28
C GLU A 58 -3.20 4.01 -26.84
N TYR A 59 -3.96 3.43 -25.92
CA TYR A 59 -3.80 3.74 -24.51
C TYR A 59 -2.51 3.10 -23.99
N TRP A 60 -2.41 1.78 -24.14
CA TRP A 60 -1.31 1.03 -23.57
C TRP A 60 0.02 1.31 -24.26
N GLU A 61 -0.02 1.62 -25.55
CA GLU A 61 1.20 1.91 -26.29
C GLU A 61 1.81 3.22 -25.80
N GLU A 62 0.96 4.23 -25.67
CA GLU A 62 1.40 5.54 -25.21
C GLU A 62 1.82 5.50 -23.74
N GLN A 63 1.10 4.71 -22.95
CA GLN A 63 1.43 4.56 -21.53
C GLN A 63 2.75 3.83 -21.33
N THR A 64 2.96 2.78 -22.12
CA THR A 64 4.21 2.01 -22.05
C THR A 64 5.42 2.87 -22.39
N GLN A 65 5.27 3.75 -23.38
CA GLN A 65 6.36 4.63 -23.79
C GLN A 65 6.73 5.63 -22.69
N ARG A 66 5.72 6.22 -22.07
CA ARG A 66 5.93 7.15 -20.98
C ARG A 66 6.63 6.48 -19.79
N ALA A 67 6.25 5.24 -19.51
CA ALA A 67 6.86 4.48 -18.43
C ALA A 67 8.34 4.22 -18.70
N LYS A 68 8.64 3.86 -19.95
CA LYS A 68 10.02 3.53 -20.31
C LYS A 68 10.91 4.76 -20.32
N SER A 69 10.30 5.91 -20.59
CA SER A 69 11.01 7.17 -20.50
C SER A 69 11.44 7.41 -19.06
N ASP A 70 10.48 7.32 -18.15
CA ASP A 70 10.75 7.48 -16.72
C ASP A 70 11.75 6.46 -16.21
N GLU A 71 11.68 5.24 -16.75
CA GLU A 71 12.61 4.19 -16.37
C GLU A 71 14.05 4.64 -16.60
N GLN A 72 14.29 5.23 -17.77
CA GLN A 72 15.62 5.72 -18.13
C GLN A 72 16.05 6.87 -17.23
N TRP A 73 15.13 7.78 -16.93
CA TRP A 73 15.45 8.93 -16.09
C TRP A 73 15.58 8.55 -14.62
N PHE A 74 14.87 7.50 -14.21
CA PHE A 74 15.03 6.98 -12.86
C PHE A 74 16.41 6.34 -12.71
N ARG A 75 16.90 5.75 -13.79
CA ARG A 75 18.27 5.20 -13.81
C ARG A 75 19.30 6.29 -13.61
N VAL A 76 19.13 7.40 -14.32
CA VAL A 76 20.04 8.54 -14.20
C VAL A 76 19.96 9.15 -12.81
N SER A 77 18.74 9.28 -12.30
CA SER A 77 18.51 9.83 -10.97
C SER A 77 19.23 9.02 -9.90
N LEU A 78 19.13 7.70 -10.01
CA LEU A 78 19.83 6.79 -9.09
C LEU A 78 21.33 7.02 -9.13
N ARG A 79 21.87 7.13 -10.34
CA ARG A 79 23.29 7.43 -10.52
C ARG A 79 23.65 8.80 -9.97
N THR A 80 22.80 9.79 -10.25
CA THR A 80 23.03 11.15 -9.79
C THR A 80 23.00 11.25 -8.27
N ALA A 81 22.04 10.54 -7.66
CA ALA A 81 21.92 10.53 -6.21
C ALA A 81 23.17 9.91 -5.56
N GLN A 82 23.68 8.86 -6.19
CA GLN A 82 24.90 8.21 -5.73
C GLN A 82 26.08 9.18 -5.78
N ARG A 83 26.07 10.08 -6.76
CA ARG A 83 27.10 11.10 -6.88
C ARG A 83 26.90 12.18 -5.83
N TYR A 84 25.66 12.65 -5.70
CA TYR A 84 25.30 13.68 -4.73
C TYR A 84 25.74 13.34 -3.32
N TYR A 85 25.58 12.07 -2.94
CA TYR A 85 25.85 11.63 -1.58
C TYR A 85 27.19 10.93 -1.43
N ASN A 86 27.96 10.88 -2.51
CA ASN A 86 29.30 10.27 -2.49
C ASN A 86 29.25 8.83 -2.00
N GLN A 87 28.25 8.09 -2.46
CA GLN A 87 28.08 6.70 -2.05
C GLN A 87 28.82 5.74 -2.96
N SER A 88 29.02 4.53 -2.48
CA SER A 88 29.69 3.49 -3.25
C SER A 88 28.84 3.05 -4.43
N LYS A 89 29.49 2.88 -5.58
CA LYS A 89 28.82 2.44 -6.80
C LYS A 89 28.32 1.00 -6.70
N GLY A 90 28.79 0.28 -5.68
CA GLY A 90 28.47 -1.13 -5.54
C GLY A 90 27.20 -1.40 -4.76
N GLY A 91 26.74 -0.41 -4.00
CA GLY A 91 25.59 -0.58 -3.14
C GLY A 91 24.24 -0.36 -3.81
N SER A 92 23.21 -1.01 -3.27
CA SER A 92 21.86 -0.91 -3.81
C SER A 92 21.03 0.19 -3.14
N HIS A 93 20.47 1.08 -3.95
CA HIS A 93 19.67 2.18 -3.43
C HIS A 93 18.29 2.24 -4.07
N THR A 94 17.39 3.01 -3.46
CA THR A 94 16.01 3.10 -3.93
C THR A 94 15.65 4.53 -4.28
N PHE A 95 14.88 4.70 -5.35
CA PHE A 95 14.36 5.99 -5.74
C PHE A 95 12.86 5.85 -5.97
N GLN A 96 12.07 6.59 -5.22
CA GLN A 96 10.62 6.47 -5.32
C GLN A 96 9.96 7.76 -5.76
N ARG A 97 8.83 7.60 -6.46
CA ARG A 97 8.04 8.74 -6.90
C ARG A 97 6.57 8.45 -6.71
N MET A 98 5.85 9.43 -6.17
CA MET A 98 4.40 9.34 -6.06
C MET A 98 3.82 10.61 -6.67
N PHE A 99 2.77 10.44 -7.48
CA PHE A 99 2.08 11.59 -8.04
C PHE A 99 0.63 11.24 -8.35
N GLY A 100 -0.17 12.28 -8.59
CA GLY A 100 -1.57 12.10 -8.87
C GLY A 100 -2.36 13.27 -8.32
N CYS A 101 -3.67 13.10 -8.23
CA CYS A 101 -4.53 14.20 -7.86
C CYS A 101 -5.66 13.78 -6.93
N ASP A 102 -6.17 14.74 -6.17
CA ASP A 102 -7.39 14.57 -5.40
C ASP A 102 -8.45 15.49 -6.00
N VAL A 103 -9.62 14.94 -6.29
CA VAL A 103 -10.73 15.76 -6.77
C VAL A 103 -11.87 15.72 -5.78
N GLY A 104 -12.63 16.81 -5.71
CA GLY A 104 -13.75 16.90 -4.81
C GLY A 104 -15.01 16.35 -5.43
N SER A 105 -16.11 16.41 -4.67
CA SER A 105 -17.41 15.96 -5.15
C SER A 105 -17.92 16.79 -6.34
N ASP A 106 -17.28 17.94 -6.56
CA ASP A 106 -17.68 18.84 -7.64
C ASP A 106 -16.82 18.68 -8.90
N TRP A 107 -15.99 17.63 -8.91
CA TRP A 107 -15.13 17.29 -10.05
C TRP A 107 -14.10 18.36 -10.38
N ARG A 108 -13.39 18.83 -9.35
CA ARG A 108 -12.36 19.82 -9.52
C ARG A 108 -11.14 19.46 -8.69
N LEU A 109 -9.97 20.01 -9.05
CA LEU A 109 -8.73 19.66 -8.36
C LEU A 109 -8.71 20.15 -6.91
N LEU A 110 -8.41 19.22 -5.99
CA LEU A 110 -8.36 19.54 -4.57
C LEU A 110 -6.93 19.57 -4.07
N ARG A 111 -6.09 18.75 -4.69
CA ARG A 111 -4.67 18.67 -4.34
C ARG A 111 -3.90 17.85 -5.39
N GLY A 112 -2.75 18.36 -5.80
CA GLY A 112 -1.89 17.65 -6.73
C GLY A 112 -0.59 17.24 -6.06
N TYR A 113 -0.05 16.10 -6.47
CA TYR A 113 1.13 15.53 -5.84
C TYR A 113 2.25 15.29 -6.84
N HIS A 114 3.47 15.57 -6.42
CA HIS A 114 4.67 15.22 -7.16
C HIS A 114 5.84 15.23 -6.20
N GLN A 115 6.08 14.10 -5.55
CA GLN A 115 7.09 14.01 -4.51
C GLN A 115 8.00 12.80 -4.72
N PHE A 116 9.21 12.90 -4.18
CA PHE A 116 10.26 11.93 -4.46
C PHE A 116 10.97 11.52 -3.18
N ALA A 117 11.50 10.30 -3.18
CA ALA A 117 12.22 9.79 -2.03
C ALA A 117 13.50 9.08 -2.41
N TYR A 118 14.52 9.21 -1.57
CA TYR A 118 15.75 8.46 -1.76
C TYR A 118 15.98 7.55 -0.58
N ASP A 119 16.07 6.24 -0.86
CA ASP A 119 16.25 5.24 0.18
C ASP A 119 15.17 5.32 1.25
N GLY A 120 13.95 5.63 0.83
CA GLY A 120 12.80 5.61 1.73
C GLY A 120 12.63 6.87 2.58
N ARG A 121 13.38 7.91 2.25
CA ARG A 121 13.29 9.17 2.98
C ARG A 121 12.90 10.29 2.03
N ASP A 122 12.14 11.27 2.52
CA ASP A 122 11.74 12.42 1.70
C ASP A 122 12.96 13.02 1.03
N TYR A 123 12.81 13.38 -0.25
CA TYR A 123 13.88 14.04 -0.98
C TYR A 123 13.41 15.42 -1.42
N ILE A 124 12.46 15.45 -2.34
CA ILE A 124 11.87 16.71 -2.78
C ILE A 124 10.38 16.53 -3.07
N ALA A 125 9.60 17.55 -2.79
CA ALA A 125 8.16 17.46 -2.93
C ALA A 125 7.55 18.77 -3.44
N LEU A 126 6.67 18.66 -4.42
CA LEU A 126 5.93 19.81 -4.91
C LEU A 126 4.92 20.24 -3.85
N ASN A 127 5.01 21.49 -3.40
CA ASN A 127 4.13 22.00 -2.37
C ASN A 127 2.67 22.09 -2.83
N GLU A 128 1.78 22.44 -1.92
CA GLU A 128 0.35 22.45 -2.21
C GLU A 128 -0.03 23.53 -3.23
N ASP A 129 0.81 24.55 -3.34
CA ASP A 129 0.55 25.63 -4.29
C ASP A 129 0.85 25.20 -5.72
N LEU A 130 1.58 24.10 -5.86
CA LEU A 130 2.03 23.58 -7.16
C LEU A 130 2.92 24.58 -7.86
N LYS A 131 3.69 25.33 -7.08
CA LYS A 131 4.61 26.33 -7.60
C LYS A 131 5.98 26.22 -6.96
N THR A 132 6.00 25.83 -5.68
CA THR A 132 7.24 25.77 -4.92
C THR A 132 7.57 24.34 -4.49
N TRP A 133 8.85 24.13 -4.16
CA TRP A 133 9.34 22.81 -3.76
C TRP A 133 9.83 22.80 -2.31
N THR A 134 9.69 21.66 -1.67
CA THR A 134 10.28 21.44 -0.36
C THR A 134 11.40 20.40 -0.48
N ALA A 135 12.62 20.81 -0.16
CA ALA A 135 13.77 19.92 -0.22
C ALA A 135 14.14 19.43 1.18
N ALA A 136 14.41 18.13 1.30
CA ALA A 136 14.63 17.51 2.60
C ALA A 136 16.05 17.71 3.09
N ASP A 137 17.00 17.82 2.18
CA ASP A 137 18.39 18.09 2.56
C ASP A 137 19.08 19.01 1.55
N THR A 138 20.37 19.21 1.75
CA THR A 138 21.14 20.13 0.90
C THR A 138 21.42 19.54 -0.48
N ALA A 139 21.38 18.20 -0.57
CA ALA A 139 21.50 17.53 -1.85
C ALA A 139 20.27 17.87 -2.69
N ALA A 140 19.10 17.71 -2.07
CA ALA A 140 17.83 18.02 -2.73
C ALA A 140 17.67 19.51 -3.01
N LEU A 141 18.46 20.34 -2.31
CA LEU A 141 18.50 21.77 -2.58
C LEU A 141 19.08 22.01 -3.97
N ILE A 142 20.10 21.24 -4.32
CA ILE A 142 20.68 21.29 -5.65
C ILE A 142 19.60 20.94 -6.69
N THR A 143 18.88 19.85 -6.44
CA THR A 143 17.80 19.42 -7.31
C THR A 143 16.72 20.48 -7.42
N ARG A 144 16.32 21.04 -6.28
CA ARG A 144 15.26 22.05 -6.24
C ARG A 144 15.59 23.26 -7.12
N ARG A 145 16.82 23.75 -7.00
CA ARG A 145 17.26 24.90 -7.79
C ARG A 145 17.28 24.59 -9.27
N LYS A 146 17.69 23.37 -9.62
CA LYS A 146 17.69 22.95 -11.02
C LYS A 146 16.27 22.87 -11.57
N TRP A 147 15.36 22.33 -10.75
CA TRP A 147 13.98 22.16 -11.16
C TRP A 147 13.19 23.47 -11.12
N GLU A 148 13.62 24.38 -10.25
CA GLU A 148 13.06 25.72 -10.23
C GLU A 148 13.41 26.45 -11.52
N GLN A 149 14.69 26.42 -11.88
CA GLN A 149 15.17 27.08 -13.08
C GLN A 149 14.59 26.47 -14.35
N ALA A 150 14.36 25.15 -14.33
CA ALA A 150 13.86 24.45 -15.50
C ALA A 150 12.37 24.68 -15.71
N GLY A 151 11.70 25.24 -14.71
CA GLY A 151 10.28 25.51 -14.79
C GLY A 151 9.41 24.26 -14.69
N ASP A 152 9.89 23.29 -13.94
CA ASP A 152 9.21 21.99 -13.83
C ASP A 152 7.83 22.07 -13.16
N ALA A 153 7.68 22.99 -12.21
CA ALA A 153 6.44 23.10 -11.45
C ALA A 153 5.24 23.39 -12.34
N GLU A 154 5.41 24.33 -13.27
CA GLU A 154 4.33 24.70 -14.18
C GLU A 154 3.99 23.52 -15.09
N TYR A 155 5.00 22.75 -15.46
CA TYR A 155 4.82 21.57 -16.30
C TYR A 155 4.01 20.49 -15.57
N TYR A 156 4.35 20.25 -14.30
CA TYR A 156 3.61 19.29 -13.48
C TYR A 156 2.19 19.77 -13.22
N ARG A 157 2.07 21.04 -12.85
CA ARG A 157 0.77 21.67 -12.60
C ARG A 157 -0.17 21.53 -13.78
N ALA A 158 0.38 21.68 -14.99
CA ALA A 158 -0.41 21.53 -16.21
C ALA A 158 -1.02 20.13 -16.29
N TYR A 159 -0.25 19.14 -15.86
CA TYR A 159 -0.75 17.76 -15.82
C TYR A 159 -1.78 17.60 -14.71
N LEU A 160 -1.45 18.12 -13.53
CA LEU A 160 -2.27 17.92 -12.35
C LEU A 160 -3.66 18.54 -12.47
N GLU A 161 -3.74 19.70 -13.10
CA GLU A 161 -5.01 20.40 -13.25
C GLU A 161 -5.83 19.87 -14.42
N GLY A 162 -5.15 19.47 -15.49
CA GLY A 162 -5.83 19.04 -16.69
C GLY A 162 -5.90 17.54 -16.87
N GLU A 163 -4.80 16.96 -17.38
CA GLU A 163 -4.72 15.56 -17.73
C GLU A 163 -5.09 14.62 -16.58
N CYS A 164 -4.59 14.91 -15.39
CA CYS A 164 -4.81 14.07 -14.22
C CYS A 164 -6.29 14.01 -13.84
N VAL A 165 -6.93 15.16 -13.74
CA VAL A 165 -8.34 15.25 -13.36
C VAL A 165 -9.27 14.62 -14.39
N GLU A 166 -9.00 14.90 -15.67
CA GLU A 166 -9.84 14.42 -16.75
C GLU A 166 -9.84 12.90 -16.86
N TRP A 167 -8.66 12.30 -16.83
CA TRP A 167 -8.55 10.85 -16.94
C TRP A 167 -9.09 10.15 -15.69
N LEU A 168 -9.03 10.82 -14.56
CA LEU A 168 -9.59 10.28 -13.32
C LEU A 168 -11.10 10.16 -13.44
N ARG A 169 -11.72 11.19 -14.02
CA ARG A 169 -13.15 11.18 -14.31
C ARG A 169 -13.50 10.04 -15.26
N ARG A 170 -12.59 9.76 -16.20
CA ARG A 170 -12.79 8.67 -17.14
C ARG A 170 -12.77 7.32 -16.44
N TYR A 171 -11.81 7.12 -15.53
CA TYR A 171 -11.70 5.88 -14.79
C TYR A 171 -12.92 5.65 -13.89
N LEU A 172 -13.43 6.74 -13.31
CA LEU A 172 -14.59 6.67 -12.44
C LEU A 172 -15.85 6.34 -13.24
N GLU A 173 -15.80 6.57 -14.55
CA GLU A 173 -16.89 6.20 -15.44
C GLU A 173 -16.73 4.75 -15.90
N LEU A 174 -15.49 4.37 -16.20
CA LEU A 174 -15.20 3.01 -16.64
C LEU A 174 -15.56 2.00 -15.56
N GLY A 175 -15.21 2.32 -14.32
CA GLY A 175 -15.47 1.42 -13.20
C GLY A 175 -16.58 1.91 -12.29
N ASN A 176 -17.58 2.56 -12.87
CA ASN A 176 -18.69 3.11 -12.10
C ASN A 176 -19.44 2.05 -11.30
N GLU A 177 -19.35 0.79 -11.74
CA GLU A 177 -20.06 -0.30 -11.10
C GLU A 177 -19.43 -0.68 -9.76
N THR A 178 -18.12 -0.48 -9.63
CA THR A 178 -17.39 -0.95 -8.47
C THR A 178 -16.68 0.14 -7.68
N LEU A 179 -16.23 1.18 -8.37
CA LEU A 179 -15.41 2.22 -7.76
C LEU A 179 -16.22 3.17 -6.89
N LEU A 180 -17.48 3.38 -7.24
CA LEU A 180 -18.31 4.35 -6.55
C LEU A 180 -19.03 3.73 -5.35
N ARG A 181 -18.63 2.52 -4.98
CA ARG A 181 -19.26 1.81 -3.88
C ARG A 181 -18.71 2.26 -2.53
N THR A 182 -19.46 1.98 -1.47
CA THR A 182 -19.02 2.26 -0.11
C THR A 182 -19.55 1.20 0.84
N ASP A 183 -18.72 0.18 1.09
CA ASP A 183 -19.11 -0.92 1.96
C ASP A 183 -18.79 -0.61 3.42
N SER A 184 -19.84 -0.47 4.23
CA SER A 184 -19.65 -0.23 5.65
C SER A 184 -19.04 -1.47 6.29
N PRO A 185 -18.19 -1.27 7.31
CA PRO A 185 -17.54 -2.40 7.98
C PRO A 185 -18.51 -3.23 8.82
N LYS A 186 -18.39 -4.56 8.73
CA LYS A 186 -19.09 -5.44 9.65
C LYS A 186 -18.16 -5.78 10.81
N ALA A 187 -18.53 -5.32 12.00
CA ALA A 187 -17.63 -5.36 13.14
C ALA A 187 -18.15 -6.22 14.30
N HIS A 188 -17.22 -6.74 15.10
CA HIS A 188 -17.58 -7.54 16.27
C HIS A 188 -16.39 -7.65 17.23
N VAL A 189 -16.66 -8.05 18.47
CA VAL A 189 -15.62 -8.22 19.48
C VAL A 189 -15.45 -9.69 19.85
N THR A 190 -14.20 -10.17 19.85
CA THR A 190 -13.94 -11.56 20.18
C THR A 190 -13.24 -11.73 21.52
N TYR A 191 -13.61 -12.79 22.24
CA TYR A 191 -13.07 -13.11 23.55
C TYR A 191 -11.98 -14.18 23.43
N HIS A 192 -10.85 -13.93 24.06
CA HIS A 192 -9.71 -14.83 24.06
C HIS A 192 -9.08 -14.85 25.45
N PRO A 193 -9.16 -16.00 26.15
CA PRO A 193 -8.54 -16.21 27.46
C PRO A 193 -7.04 -15.86 27.46
N ARG A 194 -6.56 -15.22 28.52
CA ARG A 194 -5.14 -14.87 28.61
C ARG A 194 -4.49 -15.50 29.82
N SER A 195 -4.56 -14.80 30.95
CA SER A 195 -4.03 -15.30 32.21
C SER A 195 -5.14 -15.85 33.07
N GLN A 196 -4.99 -15.69 34.39
CA GLN A 196 -6.07 -15.96 35.31
C GLN A 196 -6.48 -14.65 35.97
N VAL A 197 -5.86 -13.57 35.53
CA VAL A 197 -6.20 -12.24 36.02
C VAL A 197 -6.89 -11.44 34.95
N ASP A 198 -6.42 -11.59 33.72
CA ASP A 198 -6.94 -10.79 32.61
C ASP A 198 -7.31 -11.62 31.38
N VAL A 199 -7.89 -10.92 30.39
CA VAL A 199 -8.36 -11.54 29.17
C VAL A 199 -8.17 -10.58 28.00
N THR A 200 -8.13 -11.11 26.78
CA THR A 200 -7.94 -10.28 25.59
C THR A 200 -9.23 -10.08 24.81
N LEU A 201 -9.58 -8.83 24.56
CA LEU A 201 -10.73 -8.49 23.72
C LEU A 201 -10.28 -7.93 22.39
N ARG A 202 -10.52 -8.67 21.32
CA ARG A 202 -10.12 -8.23 19.98
C ARG A 202 -11.32 -7.70 19.18
N CYS A 203 -11.32 -6.40 18.91
CA CYS A 203 -12.38 -5.80 18.10
C CYS A 203 -12.06 -5.93 16.62
N TRP A 204 -12.96 -6.54 15.86
CA TRP A 204 -12.76 -6.78 14.44
C TRP A 204 -13.52 -5.81 13.55
N ALA A 205 -12.97 -5.53 12.38
CA ALA A 205 -13.68 -4.80 11.34
C ALA A 205 -13.42 -5.50 10.00
N LEU A 206 -14.48 -5.94 9.34
CA LEU A 206 -14.34 -6.75 8.14
C LEU A 206 -15.13 -6.21 6.94
N GLY A 207 -14.62 -6.49 5.74
CA GLY A 207 -15.32 -6.23 4.50
C GLY A 207 -15.71 -4.79 4.23
N PHE A 208 -14.85 -3.84 4.58
CA PHE A 208 -15.17 -2.44 4.37
C PHE A 208 -14.39 -1.82 3.21
N TYR A 209 -14.98 -0.80 2.61
CA TYR A 209 -14.35 -0.05 1.53
C TYR A 209 -14.93 1.36 1.52
N PRO A 210 -14.06 2.39 1.44
CA PRO A 210 -12.59 2.36 1.30
C PRO A 210 -11.84 1.89 2.56
N ALA A 211 -10.52 1.89 2.47
CA ALA A 211 -9.67 1.32 3.51
C ALA A 211 -9.51 2.24 4.73
N ASP A 212 -9.86 3.50 4.58
CA ASP A 212 -9.78 4.46 5.68
C ASP A 212 -10.79 4.12 6.77
N ILE A 213 -10.30 3.82 7.97
CA ILE A 213 -11.16 3.43 9.09
C ILE A 213 -10.54 3.85 10.42
N THR A 214 -11.38 4.01 11.45
CA THR A 214 -10.90 4.36 12.78
C THR A 214 -11.41 3.39 13.85
N LEU A 215 -10.47 2.73 14.52
CA LEU A 215 -10.80 1.77 15.58
C LEU A 215 -10.18 2.15 16.91
N THR A 216 -11.02 2.39 17.92
CA THR A 216 -10.51 2.70 19.26
C THR A 216 -11.28 1.97 20.36
N TRP A 217 -10.60 1.83 21.50
CA TRP A 217 -11.18 1.23 22.70
C TRP A 217 -11.26 2.28 23.80
N GLN A 218 -12.43 2.43 24.40
CA GLN A 218 -12.55 3.36 25.52
C GLN A 218 -13.21 2.68 26.72
N LEU A 219 -12.57 2.85 27.88
CA LEU A 219 -13.04 2.28 29.13
C LEU A 219 -13.86 3.30 29.89
N ASN A 220 -15.14 3.00 30.11
CA ASN A 220 -16.01 3.89 30.86
C ASN A 220 -16.10 5.28 30.23
N GLY A 221 -16.27 5.31 28.91
CA GLY A 221 -16.49 6.56 28.20
C GLY A 221 -15.26 7.42 27.95
N GLU A 222 -14.15 7.09 28.61
CA GLU A 222 -12.92 7.86 28.42
C GLU A 222 -12.22 7.44 27.14
N ASP A 223 -10.98 6.96 27.24
CA ASP A 223 -10.27 6.47 26.08
C ASP A 223 -9.00 5.72 26.45
N LEU A 224 -8.65 4.72 25.64
CA LEU A 224 -7.48 3.88 25.87
C LEU A 224 -6.78 3.56 24.55
N THR A 225 -5.45 3.67 24.53
CA THR A 225 -4.66 3.34 23.36
C THR A 225 -3.27 2.81 23.73
N GLN A 226 -2.67 3.42 24.75
CA GLN A 226 -1.26 3.16 25.09
C GLN A 226 -0.99 1.70 25.45
N ASP A 227 -2.04 0.95 25.71
CA ASP A 227 -1.89 -0.48 25.99
C ASP A 227 -2.44 -1.29 24.81
N MET A 228 -3.29 -0.65 24.01
CA MET A 228 -3.98 -1.26 22.89
C MET A 228 -3.04 -1.69 21.76
N GLU A 229 -3.28 -2.88 21.21
CA GLU A 229 -2.57 -3.33 20.02
C GLU A 229 -3.42 -3.10 18.78
N LEU A 230 -2.84 -2.45 17.77
CA LEU A 230 -3.57 -2.10 16.56
C LEU A 230 -2.77 -2.44 15.30
N VAL A 231 -3.19 -3.49 14.60
CA VAL A 231 -2.54 -3.87 13.34
C VAL A 231 -2.95 -2.92 12.22
N GLU A 232 -2.09 -2.77 11.22
CA GLU A 232 -2.42 -1.89 10.10
C GLU A 232 -3.44 -2.56 9.20
N THR A 233 -4.25 -1.73 8.53
CA THR A 233 -5.32 -2.21 7.67
C THR A 233 -4.81 -3.16 6.59
N ARG A 234 -5.54 -4.24 6.36
CA ARG A 234 -5.08 -5.27 5.43
C ARG A 234 -6.13 -5.57 4.37
N PRO A 235 -5.68 -5.89 3.14
CA PRO A 235 -6.57 -6.29 2.06
C PRO A 235 -7.12 -7.70 2.26
N ALA A 236 -8.43 -7.86 2.16
CA ALA A 236 -9.04 -9.18 2.25
C ALA A 236 -8.67 -9.98 1.00
N GLY A 237 -8.57 -9.28 -0.13
CA GLY A 237 -8.24 -9.92 -1.39
C GLY A 237 -9.40 -9.82 -2.38
N ASP A 238 -10.56 -9.43 -1.89
CA ASP A 238 -11.76 -9.33 -2.72
C ASP A 238 -12.15 -7.87 -2.95
N GLY A 239 -11.22 -6.96 -2.72
CA GLY A 239 -11.47 -5.55 -2.90
C GLY A 239 -11.90 -4.86 -1.63
N THR A 240 -12.06 -5.64 -0.56
CA THR A 240 -12.43 -5.08 0.74
C THR A 240 -11.24 -5.13 1.68
N PHE A 241 -11.40 -4.56 2.87
CA PHE A 241 -10.30 -4.49 3.81
C PHE A 241 -10.69 -4.96 5.20
N GLN A 242 -9.67 -5.33 5.99
CA GLN A 242 -9.87 -5.80 7.35
C GLN A 242 -8.95 -5.07 8.30
N LYS A 243 -9.34 -5.02 9.57
CA LYS A 243 -8.51 -4.42 10.61
C LYS A 243 -9.01 -4.83 11.99
N TRP A 244 -8.09 -4.99 12.94
CA TRP A 244 -8.51 -5.22 14.31
C TRP A 244 -7.67 -4.49 15.34
N ALA A 245 -8.25 -4.34 16.53
CA ALA A 245 -7.60 -3.72 17.67
C ALA A 245 -7.94 -4.50 18.93
N ALA A 246 -6.92 -4.88 19.70
CA ALA A 246 -7.12 -5.70 20.89
C ALA A 246 -6.67 -5.01 22.16
N VAL A 247 -7.30 -5.38 23.29
CA VAL A 247 -6.94 -4.84 24.60
C VAL A 247 -6.86 -5.95 25.63
N VAL A 248 -5.97 -5.78 26.60
CA VAL A 248 -5.84 -6.74 27.70
C VAL A 248 -6.60 -6.22 28.91
N VAL A 249 -7.61 -6.96 29.36
CA VAL A 249 -8.49 -6.49 30.43
C VAL A 249 -8.73 -7.57 31.49
N PRO A 250 -8.80 -7.17 32.77
CA PRO A 250 -9.07 -8.10 33.88
C PRO A 250 -10.40 -8.86 33.74
N LEU A 251 -10.51 -9.98 34.45
CA LEU A 251 -11.70 -10.81 34.36
C LEU A 251 -12.91 -10.14 35.00
N GLY A 252 -14.05 -10.20 34.31
CA GLY A 252 -15.31 -9.76 34.86
C GLY A 252 -15.83 -8.41 34.38
N LYS A 253 -14.94 -7.53 33.93
CA LYS A 253 -15.34 -6.16 33.61
C LYS A 253 -15.31 -5.86 32.11
N GLU A 254 -15.32 -6.92 31.29
CA GLU A 254 -15.26 -6.83 29.83
C GLU A 254 -16.31 -5.90 29.21
N GLN A 255 -17.48 -5.80 29.84
CA GLN A 255 -18.60 -5.05 29.27
C GLN A 255 -18.51 -3.56 29.57
N ASN A 256 -17.51 -3.17 30.36
CA ASN A 256 -17.23 -1.76 30.60
C ASN A 256 -16.33 -1.21 29.52
N TYR A 257 -15.94 -2.07 28.60
CA TYR A 257 -15.10 -1.69 27.47
C TYR A 257 -15.92 -1.60 26.20
N THR A 258 -15.75 -0.50 25.48
CA THR A 258 -16.47 -0.28 24.24
C THR A 258 -15.52 -0.09 23.07
N CYS A 259 -15.79 -0.80 21.98
CA CYS A 259 -15.03 -0.59 20.76
C CYS A 259 -15.81 0.39 19.88
N HIS A 260 -15.09 1.34 19.28
CA HIS A 260 -15.74 2.37 18.48
C HIS A 260 -15.21 2.39 17.04
N VAL A 261 -16.13 2.28 16.09
CA VAL A 261 -15.77 2.17 14.68
C VAL A 261 -16.27 3.35 13.88
N HIS A 262 -15.34 4.09 13.28
CA HIS A 262 -15.69 5.20 12.40
C HIS A 262 -15.34 4.85 10.95
N HIS A 263 -16.27 5.13 10.04
CA HIS A 263 -16.07 4.81 8.64
C HIS A 263 -17.06 5.56 7.76
N LYS A 264 -16.69 5.77 6.51
CA LYS A 264 -17.51 6.49 5.53
C LYS A 264 -18.90 5.88 5.38
N GLY A 265 -18.98 4.55 5.44
CA GLY A 265 -20.23 3.85 5.26
C GLY A 265 -21.11 3.81 6.50
N LEU A 266 -20.61 4.35 7.60
CA LEU A 266 -21.37 4.37 8.85
C LEU A 266 -21.90 5.77 9.17
N PRO A 267 -23.19 6.01 8.89
CA PRO A 267 -23.83 7.28 9.23
C PRO A 267 -23.64 7.61 10.70
N GLU A 268 -24.19 6.75 11.55
CA GLU A 268 -23.85 6.75 12.96
C GLU A 268 -22.68 5.80 13.17
N PRO A 269 -21.65 6.24 13.90
CA PRO A 269 -20.51 5.38 14.25
C PRO A 269 -20.95 4.15 15.03
N LEU A 270 -20.10 3.13 15.08
CA LEU A 270 -20.46 1.90 15.79
C LEU A 270 -19.85 1.84 17.18
N THR A 271 -20.67 1.41 18.14
CA THR A 271 -20.20 1.14 19.50
C THR A 271 -20.49 -0.32 19.83
N LEU A 272 -19.44 -1.08 20.11
CA LEU A 272 -19.57 -2.53 20.30
C LEU A 272 -19.00 -3.01 21.63
N ARG A 273 -19.57 -4.11 22.14
CA ARG A 273 -19.09 -4.76 23.35
C ARG A 273 -18.93 -6.24 23.08
N TRP A 274 -18.31 -6.96 24.00
CA TRP A 274 -18.23 -8.40 23.88
C TRP A 274 -19.61 -9.02 24.15
N ILE B 1 16.92 4.27 8.40
CA ILE B 1 17.24 3.89 7.04
C ILE B 1 16.56 2.57 6.66
N GLN B 2 16.28 1.73 7.65
CA GLN B 2 15.61 0.44 7.41
C GLN B 2 14.33 0.29 8.25
N ARG B 3 13.33 -0.36 7.67
CA ARG B 3 12.09 -0.65 8.38
C ARG B 3 11.82 -2.16 8.39
N THR B 4 11.45 -2.68 9.57
CA THR B 4 11.08 -4.09 9.71
C THR B 4 9.65 -4.33 9.24
N PRO B 5 9.44 -5.44 8.51
CA PRO B 5 8.10 -5.72 7.98
C PRO B 5 7.10 -6.17 9.05
N LYS B 6 5.85 -5.75 8.89
CA LYS B 6 4.74 -6.26 9.70
C LYS B 6 4.08 -7.41 8.97
N ILE B 7 3.98 -8.56 9.63
CA ILE B 7 3.47 -9.76 8.98
C ILE B 7 2.10 -10.17 9.54
N GLN B 8 1.15 -10.41 8.64
CA GLN B 8 -0.17 -10.89 9.01
C GLN B 8 -0.60 -12.06 8.13
N VAL B 9 -0.91 -13.19 8.75
CA VAL B 9 -1.40 -14.36 8.02
C VAL B 9 -2.86 -14.62 8.35
N TYR B 10 -3.70 -14.66 7.32
CA TYR B 10 -5.13 -14.72 7.52
C TYR B 10 -5.84 -15.20 6.26
N SER B 11 -7.14 -15.44 6.36
CA SER B 11 -7.91 -15.93 5.23
C SER B 11 -8.82 -14.83 4.68
N ARG B 12 -9.08 -14.89 3.37
CA ARG B 12 -9.92 -13.91 2.69
C ARG B 12 -11.34 -13.92 3.26
N HIS B 13 -11.89 -15.11 3.42
CA HIS B 13 -13.20 -15.30 4.02
C HIS B 13 -13.03 -16.08 5.32
N PRO B 14 -14.00 -15.99 6.25
CA PRO B 14 -13.90 -16.74 7.50
C PRO B 14 -13.75 -18.24 7.25
N ALA B 15 -12.84 -18.88 7.97
CA ALA B 15 -12.47 -20.26 7.68
C ALA B 15 -13.40 -21.30 8.30
N GLU B 16 -14.01 -22.11 7.45
CA GLU B 16 -14.68 -23.32 7.89
C GLU B 16 -14.25 -24.49 7.01
N ASN B 17 -13.89 -25.59 7.66
CA ASN B 17 -13.30 -26.75 6.98
C ASN B 17 -14.14 -27.29 5.83
N GLY B 18 -13.47 -27.65 4.74
CA GLY B 18 -14.13 -28.26 3.61
C GLY B 18 -14.49 -27.28 2.51
N LYS B 19 -14.42 -25.99 2.80
CA LYS B 19 -14.77 -24.96 1.82
C LYS B 19 -13.54 -24.20 1.34
N SER B 20 -13.39 -24.10 0.02
CA SER B 20 -12.24 -23.44 -0.58
C SER B 20 -12.19 -21.96 -0.23
N ASN B 21 -11.03 -21.53 0.27
CA ASN B 21 -10.82 -20.14 0.67
C ASN B 21 -9.56 -19.59 0.03
N PHE B 22 -9.01 -18.53 0.60
CA PHE B 22 -7.73 -18.00 0.17
C PHE B 22 -6.86 -17.65 1.39
N LEU B 23 -5.67 -18.23 1.43
CA LEU B 23 -4.72 -17.93 2.48
C LEU B 23 -3.88 -16.72 2.11
N ASN B 24 -3.94 -15.67 2.94
CA ASN B 24 -3.20 -14.45 2.70
C ASN B 24 -2.03 -14.27 3.64
N CYS B 25 -0.93 -13.74 3.13
CA CYS B 25 0.14 -13.23 3.96
C CYS B 25 0.41 -11.79 3.56
N TYR B 26 0.03 -10.85 4.42
CA TYR B 26 0.21 -9.44 4.14
C TYR B 26 1.44 -8.92 4.85
N VAL B 27 2.45 -8.50 4.06
CA VAL B 27 3.64 -7.89 4.61
C VAL B 27 3.66 -6.40 4.25
N SER B 28 3.80 -5.56 5.25
CA SER B 28 3.75 -4.12 5.03
C SER B 28 4.76 -3.36 5.89
N GLY B 29 4.97 -2.10 5.54
CA GLY B 29 5.81 -1.21 6.32
C GLY B 29 7.29 -1.54 6.31
N PHE B 30 7.76 -2.21 5.26
CA PHE B 30 9.16 -2.61 5.22
C PHE B 30 9.98 -1.78 4.25
N HIS B 31 11.29 -1.73 4.53
CA HIS B 31 12.26 -1.07 3.65
C HIS B 31 13.64 -1.60 3.98
N PRO B 32 14.45 -1.92 2.95
CA PRO B 32 14.18 -1.77 1.51
C PRO B 32 13.23 -2.83 0.94
N SER B 33 13.10 -2.85 -0.39
CA SER B 33 12.05 -3.60 -1.07
C SER B 33 12.31 -5.10 -1.22
N ASP B 34 13.58 -5.50 -1.21
CA ASP B 34 13.92 -6.92 -1.34
C ASP B 34 13.38 -7.70 -0.14
N ILE B 35 12.61 -8.74 -0.41
CA ILE B 35 11.97 -9.53 0.64
C ILE B 35 11.59 -10.93 0.16
N GLU B 36 11.79 -11.92 1.01
CA GLU B 36 11.36 -13.29 0.73
C GLU B 36 10.04 -13.60 1.45
N VAL B 37 9.05 -14.07 0.71
CA VAL B 37 7.77 -14.43 1.31
C VAL B 37 7.25 -15.78 0.80
N ASP B 38 7.05 -16.71 1.73
CA ASP B 38 6.50 -18.01 1.38
C ASP B 38 5.29 -18.38 2.22
N LEU B 39 4.36 -19.08 1.60
CA LEU B 39 3.24 -19.67 2.33
C LEU B 39 3.53 -21.13 2.54
N LEU B 40 3.40 -21.58 3.78
CA LEU B 40 3.75 -22.95 4.12
C LEU B 40 2.53 -23.80 4.44
N LYS B 41 2.48 -25.00 3.87
CA LYS B 41 1.50 -26.00 4.27
C LYS B 41 2.22 -27.13 4.98
N ASN B 42 2.00 -27.25 6.29
CA ASN B 42 2.69 -28.23 7.12
C ASN B 42 4.20 -28.11 7.00
N GLY B 43 4.70 -26.88 7.01
CA GLY B 43 6.12 -26.61 6.95
C GLY B 43 6.71 -26.66 5.55
N GLU B 44 5.90 -27.08 4.57
CA GLU B 44 6.37 -27.23 3.20
C GLU B 44 5.93 -26.09 2.29
N ARG B 45 6.90 -25.52 1.59
CA ARG B 45 6.69 -24.36 0.72
C ARG B 45 5.62 -24.60 -0.35
N ILE B 46 4.63 -23.72 -0.39
CA ILE B 46 3.56 -23.80 -1.39
C ILE B 46 4.01 -23.13 -2.69
N GLU B 47 3.81 -23.83 -3.80
CA GLU B 47 4.27 -23.36 -5.10
C GLU B 47 3.30 -22.38 -5.77
N LYS B 48 2.04 -22.79 -5.88
CA LYS B 48 1.05 -22.00 -6.60
C LYS B 48 0.62 -20.80 -5.78
N VAL B 49 1.54 -19.85 -5.61
CA VAL B 49 1.26 -18.64 -4.83
C VAL B 49 1.36 -17.41 -5.72
N GLU B 50 0.42 -16.49 -5.56
CA GLU B 50 0.48 -15.23 -6.30
C GLU B 50 0.75 -14.06 -5.36
N HIS B 51 1.16 -12.93 -5.93
CA HIS B 51 1.42 -11.76 -5.11
C HIS B 51 1.06 -10.46 -5.82
N SER B 52 0.82 -9.42 -5.02
CA SER B 52 0.46 -8.11 -5.55
C SER B 52 1.67 -7.39 -6.12
N ASP B 53 1.41 -6.35 -6.90
CA ASP B 53 2.48 -5.53 -7.46
C ASP B 53 3.06 -4.65 -6.38
N LEU B 54 4.39 -4.60 -6.31
CA LEU B 54 5.09 -3.80 -5.31
C LEU B 54 4.55 -2.36 -5.27
N SER B 55 4.13 -1.94 -4.08
CA SER B 55 3.58 -0.61 -3.89
C SER B 55 4.05 -0.08 -2.54
N PHE B 56 3.71 1.17 -2.22
CA PHE B 56 4.13 1.73 -0.94
C PHE B 56 3.14 2.74 -0.37
N SER B 57 3.33 3.06 0.90
CA SER B 57 2.41 3.95 1.62
C SER B 57 2.92 5.38 1.66
N LYS B 58 2.30 6.18 2.52
CA LYS B 58 2.62 7.60 2.66
C LYS B 58 4.06 7.80 3.14
N ASP B 59 4.54 6.92 4.02
CA ASP B 59 5.88 7.04 4.58
C ASP B 59 6.94 6.38 3.69
N TRP B 60 6.54 6.00 2.48
CA TRP B 60 7.39 5.36 1.47
C TRP B 60 7.70 3.88 1.76
N SER B 61 7.14 3.34 2.84
CA SER B 61 7.36 1.94 3.17
C SER B 61 6.51 1.03 2.29
N PHE B 62 7.07 -0.12 1.91
CA PHE B 62 6.42 -1.01 0.96
C PHE B 62 5.41 -1.97 1.59
N TYR B 63 4.50 -2.49 0.76
CA TYR B 63 3.58 -3.53 1.19
C TYR B 63 3.29 -4.53 0.07
N LEU B 64 3.06 -5.78 0.47
CA LEU B 64 2.85 -6.87 -0.48
C LEU B 64 1.87 -7.90 0.06
N LEU B 65 0.88 -8.26 -0.76
CA LEU B 65 -0.04 -9.32 -0.40
C LEU B 65 0.30 -10.60 -1.18
N TYR B 66 0.68 -11.64 -0.44
CA TYR B 66 0.87 -12.95 -1.04
C TYR B 66 -0.35 -13.80 -0.72
N TYR B 67 -0.85 -14.54 -1.71
CA TYR B 67 -2.07 -15.31 -1.52
C TYR B 67 -2.09 -16.60 -2.34
N THR B 68 -2.80 -17.60 -1.81
CA THR B 68 -2.95 -18.87 -2.50
C THR B 68 -4.33 -19.47 -2.21
N GLU B 69 -4.88 -20.15 -3.20
CA GLU B 69 -6.16 -20.82 -3.02
C GLU B 69 -5.94 -22.09 -2.20
N PHE B 70 -6.78 -22.30 -1.18
CA PHE B 70 -6.67 -23.50 -0.36
C PHE B 70 -8.00 -23.92 0.24
N THR B 71 -8.04 -25.14 0.74
CA THR B 71 -9.21 -25.66 1.45
C THR B 71 -8.80 -26.12 2.84
N PRO B 72 -9.13 -25.34 3.87
CA PRO B 72 -8.66 -25.60 5.23
C PRO B 72 -9.24 -26.88 5.81
N THR B 73 -8.40 -27.64 6.52
CA THR B 73 -8.87 -28.80 7.26
C THR B 73 -8.62 -28.55 8.74
N GLU B 74 -8.89 -29.55 9.56
CA GLU B 74 -8.73 -29.39 11.00
C GLU B 74 -7.31 -29.71 11.46
N LYS B 75 -6.51 -30.29 10.58
CA LYS B 75 -5.17 -30.72 10.98
C LYS B 75 -4.05 -30.06 10.16
N ASP B 76 -4.39 -29.53 9.00
CA ASP B 76 -3.40 -28.85 8.16
C ASP B 76 -2.92 -27.55 8.78
N GLU B 77 -1.65 -27.51 9.16
CA GLU B 77 -1.05 -26.29 9.69
C GLU B 77 -0.54 -25.38 8.57
N TYR B 78 -0.96 -24.12 8.60
CA TYR B 78 -0.49 -23.15 7.62
C TYR B 78 0.28 -22.01 8.28
N ALA B 79 1.26 -21.48 7.57
CA ALA B 79 2.09 -20.42 8.10
C ALA B 79 2.70 -19.58 6.98
N CYS B 80 3.26 -18.44 7.37
CA CYS B 80 3.97 -17.58 6.43
C CYS B 80 5.41 -17.40 6.89
N ARG B 81 6.35 -17.62 5.96
CA ARG B 81 7.76 -17.42 6.25
C ARG B 81 8.28 -16.19 5.51
N VAL B 82 8.77 -15.23 6.28
CA VAL B 82 9.27 -13.98 5.70
C VAL B 82 10.72 -13.75 6.09
N ASN B 83 11.56 -13.47 5.09
CA ASN B 83 12.94 -13.09 5.34
C ASN B 83 13.20 -11.71 4.76
N HIS B 84 14.05 -10.95 5.44
CA HIS B 84 14.30 -9.56 5.10
C HIS B 84 15.60 -9.13 5.78
N VAL B 85 16.26 -8.11 5.25
CA VAL B 85 17.56 -7.69 5.79
C VAL B 85 17.44 -7.23 7.26
N THR B 86 16.24 -6.85 7.66
CA THR B 86 15.99 -6.41 9.02
C THR B 86 15.78 -7.59 9.99
N LEU B 87 15.70 -8.79 9.44
CA LEU B 87 15.51 -9.98 10.26
C LEU B 87 16.78 -10.81 10.33
N SER B 88 17.21 -11.15 11.54
CA SER B 88 18.42 -11.93 11.73
C SER B 88 18.22 -13.36 11.21
N GLN B 89 16.97 -13.80 11.17
CA GLN B 89 16.62 -15.10 10.60
C GLN B 89 15.16 -15.02 10.13
N PRO B 90 14.75 -15.93 9.22
CA PRO B 90 13.37 -15.88 8.70
C PRO B 90 12.33 -15.97 9.82
N LYS B 91 11.31 -15.14 9.73
CA LYS B 91 10.23 -15.15 10.70
C LYS B 91 9.09 -16.03 10.20
N ILE B 92 8.72 -17.02 11.01
CA ILE B 92 7.61 -17.91 10.67
C ILE B 92 6.38 -17.59 11.50
N VAL B 93 5.35 -17.05 10.86
CA VAL B 93 4.11 -16.73 11.53
C VAL B 93 3.04 -17.75 11.20
N LYS B 94 2.61 -18.52 12.20
CA LYS B 94 1.58 -19.53 12.01
C LYS B 94 0.22 -18.90 11.78
N TRP B 95 -0.61 -19.54 10.96
CA TRP B 95 -1.96 -19.04 10.73
C TRP B 95 -2.86 -19.40 11.89
N ASP B 96 -3.49 -18.37 12.46
CA ASP B 96 -4.43 -18.57 13.56
C ASP B 96 -5.82 -18.09 13.15
N ARG B 97 -6.80 -18.98 13.24
CA ARG B 97 -8.16 -18.69 12.79
C ARG B 97 -8.85 -17.60 13.61
N ASP B 98 -8.16 -17.02 14.59
CA ASP B 98 -8.79 -16.05 15.49
C ASP B 98 -7.98 -14.78 15.70
N MET B 99 -6.70 -14.82 15.37
CA MET B 99 -5.85 -13.63 15.46
C MET B 99 -5.05 -13.40 14.18
N TYR C 1 -3.85 8.65 -15.86
CA TYR C 1 -2.88 8.71 -16.94
C TYR C 1 -1.49 9.00 -16.38
N TYR C 2 -0.53 8.17 -16.77
CA TYR C 2 0.85 8.33 -16.35
C TYR C 2 1.49 9.56 -16.98
N SER C 3 2.26 10.30 -16.19
CA SER C 3 2.96 11.47 -16.67
C SER C 3 4.43 11.38 -16.28
N ILE C 4 5.32 11.78 -17.19
CA ILE C 4 6.74 11.58 -17.00
C ILE C 4 7.42 12.72 -16.26
N ILE C 5 8.61 12.43 -15.74
CA ILE C 5 9.52 13.48 -15.30
C ILE C 5 10.39 13.82 -16.51
N PRO C 6 10.79 15.10 -16.64
CA PRO C 6 11.49 15.55 -17.84
C PRO C 6 12.99 15.32 -17.81
N HIS C 7 13.54 15.12 -16.61
CA HIS C 7 14.98 14.97 -16.45
C HIS C 7 15.33 14.42 -15.08
N SER C 8 16.61 14.25 -14.83
CA SER C 8 17.10 13.72 -13.56
C SER C 8 16.98 14.71 -12.42
N ILE C 9 17.14 14.21 -11.20
CA ILE C 9 17.27 15.06 -10.03
C ILE C 9 18.63 15.74 -10.05
#